data_6NP6
#
_entry.id   6NP6
#
_cell.length_a   133.468
_cell.length_b   138.851
_cell.length_c   44.546
_cell.angle_alpha   90.000
_cell.angle_beta   90.000
_cell.angle_gamma   90.000
#
_symmetry.space_group_name_H-M   'C 2 2 21'
#
loop_
_entity.id
_entity.type
_entity.pdbx_description
1 polymer 'Crp/Fnr family transcriptional regulator'
2 non-polymer GLYCEROL
3 water water
#
_entity_poly.entity_id   1
_entity_poly.type   'polypeptide(L)'
_entity_poly.pdbx_seq_one_letter_code
;DPEFDLLLKAWKSSGLSVGMKDDELLALLESCSYRVERLKAEELYAIGGDKLQDLRIVGVGEIRAEMVGPSGKQILIDTL
AVGRILAPALLFASENILPVTLFANEDSVLFRIGKEEFKGMMHKYPTLMENFIGMISDISAFLMKKIHQLSLRS
;
_entity_poly.pdbx_strand_id   A,B
#
# COMPACT_ATOMS: atom_id res chain seq x y z
N ASP A 1 -2.33 -6.39 29.62
CA ASP A 1 -3.44 -7.30 29.41
C ASP A 1 -3.07 -8.39 28.42
N PRO A 2 -3.56 -9.61 28.65
CA PRO A 2 -3.38 -10.67 27.66
C PRO A 2 -4.05 -10.30 26.33
N GLU A 3 -3.53 -10.90 25.25
CA GLU A 3 -4.09 -10.64 23.93
C GLU A 3 -5.56 -11.02 23.85
N PHE A 4 -5.95 -12.09 24.55
CA PHE A 4 -7.33 -12.54 24.51
C PHE A 4 -8.29 -11.48 25.06
N ASP A 5 -7.88 -10.77 26.11
CA ASP A 5 -8.74 -9.74 26.67
C ASP A 5 -8.84 -8.54 25.74
N LEU A 6 -7.78 -8.22 25.01
CA LEU A 6 -7.87 -7.20 23.97
C LEU A 6 -8.87 -7.60 22.89
N LEU A 7 -8.82 -8.88 22.47
CA LEU A 7 -9.77 -9.35 21.48
C LEU A 7 -11.20 -9.27 21.99
N LEU A 8 -11.43 -9.67 23.24
CA LEU A 8 -12.79 -9.57 23.81
C LEU A 8 -13.25 -8.12 23.85
N LYS A 9 -12.38 -7.21 24.32
CA LYS A 9 -12.74 -5.81 24.38
C LYS A 9 -13.10 -5.28 23.00
N ALA A 10 -12.35 -5.71 21.97
CA ALA A 10 -12.65 -5.28 20.61
C ALA A 10 -13.98 -5.85 20.13
N TRP A 11 -14.30 -7.09 20.50
CA TRP A 11 -15.54 -7.72 20.04
C TRP A 11 -16.76 -7.11 20.74
N LYS A 12 -16.67 -6.92 22.06
CA LYS A 12 -17.76 -6.30 22.81
C LYS A 12 -18.06 -4.90 22.29
N SER A 13 -17.04 -4.19 21.83
CA SER A 13 -17.21 -2.88 21.21
C SER A 13 -17.57 -2.99 19.74
N SER A 14 -17.60 -4.21 19.18
CA SER A 14 -17.94 -4.42 17.79
C SER A 14 -19.43 -4.70 17.65
N GLY A 15 -19.94 -4.47 16.44
CA GLY A 15 -21.32 -4.83 16.15
C GLY A 15 -21.56 -6.32 16.06
N LEU A 16 -20.49 -7.12 15.97
CA LEU A 16 -20.64 -8.56 15.83
C LEU A 16 -21.21 -9.20 17.09
N SER A 17 -20.99 -8.58 18.25
CA SER A 17 -21.37 -9.17 19.53
C SER A 17 -22.75 -8.75 20.01
N VAL A 18 -23.43 -7.86 19.29
CA VAL A 18 -24.71 -7.34 19.75
C VAL A 18 -25.71 -8.48 19.88
N GLY A 19 -26.34 -8.58 21.05
CA GLY A 19 -27.33 -9.60 21.32
C GLY A 19 -26.78 -10.91 21.86
N MET A 20 -25.46 -11.04 21.98
CA MET A 20 -24.84 -12.26 22.47
C MET A 20 -24.51 -12.11 23.95
N LYS A 21 -24.84 -13.13 24.74
CA LYS A 21 -24.50 -13.12 26.15
C LYS A 21 -23.00 -13.25 26.33
N ASP A 22 -22.50 -12.71 27.45
CA ASP A 22 -21.08 -12.77 27.74
C ASP A 22 -20.56 -14.19 27.75
N ASP A 23 -21.39 -15.15 28.18
CA ASP A 23 -20.95 -16.54 28.25
C ASP A 23 -20.67 -17.11 26.86
N GLU A 24 -21.62 -16.96 25.93
CA GLU A 24 -21.40 -17.52 24.61
C GLU A 24 -20.34 -16.75 23.83
N LEU A 25 -20.22 -15.44 24.07
CA LEU A 25 -19.14 -14.68 23.44
C LEU A 25 -17.78 -15.15 23.95
N LEU A 26 -17.66 -15.35 25.27
CA LEU A 26 -16.42 -15.88 25.84
C LEU A 26 -16.10 -17.25 25.26
N ALA A 27 -17.10 -18.13 25.16
CA ALA A 27 -16.88 -19.45 24.60
C ALA A 27 -16.44 -19.36 23.15
N LEU A 28 -17.10 -18.50 22.36
CA LEU A 28 -16.75 -18.33 20.95
C LEU A 28 -15.30 -17.88 20.79
N LEU A 29 -14.86 -16.94 21.62
CA LEU A 29 -13.51 -16.41 21.46
C LEU A 29 -12.44 -17.30 22.09
N GLU A 30 -12.79 -18.09 23.10
CA GLU A 30 -11.81 -18.98 23.71
C GLU A 30 -11.39 -20.09 22.77
N SER A 31 -12.30 -20.55 21.91
CA SER A 31 -12.03 -21.58 20.94
C SER A 31 -11.45 -21.05 19.63
N CYS A 32 -11.38 -19.73 19.48
CA CYS A 32 -11.00 -19.13 18.21
C CYS A 32 -9.49 -19.10 18.05
N SER A 33 -9.03 -19.38 16.83
CA SER A 33 -7.63 -19.26 16.45
C SER A 33 -7.47 -18.04 15.54
N TYR A 34 -6.57 -17.14 15.92
CA TYR A 34 -6.39 -15.88 15.22
C TYR A 34 -4.91 -15.55 15.10
N ARG A 35 -4.60 -14.60 14.24
CA ARG A 35 -3.24 -14.10 14.07
C ARG A 35 -3.24 -12.61 14.36
N VAL A 36 -2.03 -12.06 14.55
CA VAL A 36 -1.86 -10.68 15.00
C VAL A 36 -1.05 -9.92 13.97
N GLU A 37 -1.58 -8.79 13.52
CA GLU A 37 -0.86 -7.88 12.63
C GLU A 37 -0.64 -6.57 13.37
N ARG A 38 0.60 -6.09 13.38
CA ARG A 38 0.97 -4.87 14.09
C ARG A 38 1.33 -3.79 13.08
N LEU A 39 0.78 -2.59 13.27
CA LEU A 39 0.97 -1.46 12.38
C LEU A 39 1.69 -0.36 13.14
N LYS A 40 2.89 -0.02 12.68
CA LYS A 40 3.65 1.04 13.31
C LYS A 40 3.04 2.40 12.99
N ALA A 41 3.01 3.27 14.00
CA ALA A 41 2.42 4.59 13.84
C ALA A 41 3.06 5.33 12.67
N GLU A 42 2.22 6.00 11.89
CA GLU A 42 2.60 6.85 10.76
C GLU A 42 3.16 6.06 9.58
N GLU A 43 2.88 4.76 9.48
CA GLU A 43 3.29 3.97 8.32
C GLU A 43 2.06 3.62 7.49
N LEU A 44 2.30 3.41 6.20
CA LEU A 44 1.26 3.04 5.24
C LEU A 44 1.46 1.59 4.82
N TYR A 45 0.36 0.83 4.79
CA TYR A 45 0.36 -0.57 4.42
C TYR A 45 -0.67 -0.80 3.31
N ALA A 46 -0.40 -1.80 2.49
CA ALA A 46 -1.30 -2.19 1.41
C ALA A 46 -1.70 -3.65 1.57
N ILE A 47 -2.96 -3.95 1.32
CA ILE A 47 -3.45 -5.33 1.28
C ILE A 47 -4.14 -5.53 -0.06
N GLY A 48 -3.64 -6.49 -0.84
CA GLY A 48 -4.23 -6.82 -2.12
C GLY A 48 -5.60 -7.43 -1.97
N GLY A 49 -6.19 -7.76 -3.13
CA GLY A 49 -7.53 -8.32 -3.12
C GLY A 49 -7.55 -9.77 -2.67
N ASP A 50 -6.52 -10.53 -3.02
CA ASP A 50 -6.48 -11.94 -2.66
C ASP A 50 -6.30 -12.17 -1.15
N LYS A 51 -5.83 -11.16 -0.42
CA LYS A 51 -5.54 -11.30 0.99
C LYS A 51 -6.57 -10.60 1.88
N LEU A 52 -7.70 -10.16 1.31
CA LEU A 52 -8.77 -9.51 2.05
C LEU A 52 -9.82 -10.50 2.54
N GLN A 53 -9.62 -11.78 2.27
CA GLN A 53 -10.59 -12.83 2.59
C GLN A 53 -10.36 -13.44 3.97
N ASP A 54 -10.07 -12.56 4.93
CA ASP A 54 -10.02 -12.90 6.35
C ASP A 54 -10.76 -11.81 7.10
N LEU A 55 -11.28 -12.16 8.27
CA LEU A 55 -11.92 -11.17 9.14
C LEU A 55 -10.85 -10.43 9.93
N ARG A 56 -10.81 -9.11 9.78
CA ARG A 56 -9.86 -8.27 10.49
C ARG A 56 -10.63 -7.30 11.39
N ILE A 57 -10.30 -7.29 12.67
CA ILE A 57 -10.91 -6.39 13.63
C ILE A 57 -9.83 -5.56 14.29
N VAL A 58 -10.08 -4.26 14.42
CA VAL A 58 -9.12 -3.35 15.06
C VAL A 58 -9.08 -3.69 16.55
N GLY A 59 -7.96 -4.28 17.00
CA GLY A 59 -7.80 -4.62 18.39
C GLY A 59 -7.23 -3.48 19.19
N VAL A 60 -6.24 -2.78 18.63
CA VAL A 60 -5.59 -1.66 19.30
C VAL A 60 -5.40 -0.54 18.29
N GLY A 61 -5.65 0.70 18.73
CA GLY A 61 -5.26 1.86 17.94
C GLY A 61 -6.36 2.48 17.09
N GLU A 62 -5.97 2.97 15.92
CA GLU A 62 -6.88 3.68 15.02
C GLU A 62 -6.23 3.80 13.64
N ILE A 63 -6.97 3.46 12.59
CA ILE A 63 -6.40 3.33 11.25
C ILE A 63 -7.30 4.03 10.23
N ARG A 64 -6.67 4.77 9.32
CA ARG A 64 -7.36 5.34 8.17
C ARG A 64 -7.28 4.35 7.01
N ALA A 65 -8.43 3.84 6.58
CA ALA A 65 -8.53 2.83 5.55
C ALA A 65 -9.23 3.39 4.32
N GLU A 66 -8.78 2.96 3.15
CA GLU A 66 -9.34 3.40 1.87
C GLU A 66 -9.30 2.27 0.87
N MET A 67 -10.26 2.28 -0.05
CA MET A 67 -10.25 1.38 -1.20
C MET A 67 -9.52 2.06 -2.36
N VAL A 68 -8.90 1.24 -3.21
CA VAL A 68 -8.20 1.74 -4.39
C VAL A 68 -8.85 1.14 -5.62
N GLY A 69 -9.38 2.00 -6.48
CA GLY A 69 -9.99 1.56 -7.70
C GLY A 69 -8.95 1.11 -8.72
N PRO A 70 -9.43 0.60 -9.86
CA PRO A 70 -8.48 0.12 -10.88
C PRO A 70 -7.67 1.22 -11.52
N SER A 71 -8.15 2.46 -11.53
CA SER A 71 -7.44 3.54 -12.18
C SER A 71 -6.43 4.23 -11.27
N GLY A 72 -6.66 4.22 -9.96
CA GLY A 72 -5.72 4.80 -9.03
C GLY A 72 -6.34 5.66 -7.95
N LYS A 73 -7.61 6.01 -8.10
CA LYS A 73 -8.26 6.89 -7.13
C LYS A 73 -8.59 6.12 -5.86
N GLN A 74 -8.41 6.78 -4.72
CA GLN A 74 -8.77 6.21 -3.42
C GLN A 74 -10.13 6.72 -3.00
N ILE A 75 -11.05 5.78 -2.81
CA ILE A 75 -12.42 6.10 -2.45
C ILE A 75 -12.68 5.62 -1.03
N LEU A 76 -13.79 6.08 -0.45
CA LEU A 76 -14.34 5.54 0.79
C LEU A 76 -13.33 5.59 1.94
N ILE A 77 -12.70 6.76 2.11
CA ILE A 77 -11.81 6.98 3.23
C ILE A 77 -12.60 6.90 4.53
N ASP A 78 -12.08 6.15 5.50
CA ASP A 78 -12.77 5.99 6.77
C ASP A 78 -11.76 5.74 7.88
N THR A 79 -12.06 6.26 9.07
CA THR A 79 -11.18 6.12 10.22
C THR A 79 -11.81 5.14 11.20
N LEU A 80 -11.14 4.00 11.41
CA LEU A 80 -11.63 2.92 12.25
C LEU A 80 -10.90 2.91 13.58
N ALA A 81 -11.65 2.95 14.66
CA ALA A 81 -11.13 2.85 16.01
C ALA A 81 -11.22 1.39 16.47
N VAL A 82 -10.94 1.17 17.77
CA VAL A 82 -10.99 -0.18 18.32
C VAL A 82 -12.40 -0.74 18.19
N GLY A 83 -12.50 -1.96 17.65
CA GLY A 83 -13.75 -2.66 17.55
C GLY A 83 -14.36 -2.70 16.16
N ARG A 84 -13.84 -1.93 15.22
CA ARG A 84 -14.40 -1.90 13.87
C ARG A 84 -13.74 -2.98 13.01
N ILE A 85 -14.48 -3.43 11.99
CA ILE A 85 -14.03 -4.49 11.10
C ILE A 85 -13.59 -3.88 9.78
N LEU A 86 -12.47 -4.36 9.25
CA LEU A 86 -11.87 -3.81 8.04
C LEU A 86 -12.44 -4.52 6.81
N ALA A 87 -13.13 -3.76 5.97
CA ALA A 87 -13.69 -4.26 4.72
C ALA A 87 -14.46 -5.57 4.87
N PRO A 88 -15.47 -5.62 5.76
CA PRO A 88 -16.19 -6.88 5.95
C PRO A 88 -16.98 -7.31 4.73
N ALA A 89 -17.48 -6.36 3.94
CA ALA A 89 -18.26 -6.71 2.76
C ALA A 89 -17.43 -7.39 1.68
N LEU A 90 -16.11 -7.34 1.76
CA LEU A 90 -15.25 -8.02 0.79
C LEU A 90 -14.74 -9.37 1.29
N LEU A 91 -15.10 -9.75 2.52
CA LEU A 91 -14.61 -11.01 3.08
C LEU A 91 -15.05 -12.20 2.24
N PHE A 92 -16.33 -12.25 1.88
CA PHE A 92 -16.88 -13.36 1.10
C PHE A 92 -17.11 -12.99 -0.36
N ALA A 93 -16.34 -12.03 -0.88
CA ALA A 93 -16.45 -11.63 -2.27
C ALA A 93 -15.58 -12.52 -3.15
N SER A 94 -15.99 -12.67 -4.40
CA SER A 94 -15.29 -13.49 -5.37
C SER A 94 -14.88 -12.74 -6.63
N GLU A 95 -15.29 -11.47 -6.76
CA GLU A 95 -15.02 -10.70 -7.95
C GLU A 95 -15.04 -9.23 -7.60
N ASN A 96 -14.42 -8.42 -8.45
CA ASN A 96 -14.41 -6.96 -8.31
C ASN A 96 -13.80 -6.52 -6.98
N ILE A 97 -12.81 -7.25 -6.48
CA ILE A 97 -12.21 -6.92 -5.19
C ILE A 97 -11.16 -5.85 -5.40
N LEU A 98 -11.35 -4.70 -4.76
CA LEU A 98 -10.45 -3.56 -4.76
C LEU A 98 -9.43 -3.69 -3.63
N PRO A 99 -8.16 -3.40 -3.90
CA PRO A 99 -7.17 -3.41 -2.82
C PRO A 99 -7.44 -2.32 -1.80
N VAL A 100 -6.90 -2.53 -0.61
CA VAL A 100 -7.13 -1.60 0.49
C VAL A 100 -5.81 -1.03 0.97
N THR A 101 -5.85 0.21 1.44
CA THR A 101 -4.69 0.94 1.93
C THR A 101 -5.00 1.42 3.34
N LEU A 102 -4.02 1.26 4.24
CA LEU A 102 -4.19 1.56 5.66
C LEU A 102 -3.07 2.46 6.15
N PHE A 103 -3.41 3.47 6.92
CA PHE A 103 -2.43 4.35 7.55
C PHE A 103 -2.69 4.38 9.06
N ALA A 104 -1.64 4.11 9.83
CA ALA A 104 -1.76 4.04 11.28
C ALA A 104 -1.58 5.42 11.88
N ASN A 105 -2.62 5.93 12.54
CA ASN A 105 -2.50 7.17 13.30
C ASN A 105 -1.84 6.94 14.65
N GLU A 106 -1.83 5.70 15.14
CA GLU A 106 -1.10 5.30 16.33
C GLU A 106 -0.46 3.95 16.08
N ASP A 107 0.25 3.45 17.08
CA ASP A 107 0.55 2.03 17.13
C ASP A 107 -0.76 1.26 17.12
N SER A 108 -0.95 0.39 16.14
CA SER A 108 -2.22 -0.30 15.98
C SER A 108 -1.98 -1.80 15.87
N VAL A 109 -3.05 -2.56 16.14
CA VAL A 109 -3.02 -4.02 16.06
C VAL A 109 -4.37 -4.49 15.55
N LEU A 110 -4.34 -5.30 14.49
CA LEU A 110 -5.50 -5.99 13.96
C LEU A 110 -5.40 -7.47 14.31
N PHE A 111 -6.55 -8.07 14.62
CA PHE A 111 -6.65 -9.51 14.82
C PHE A 111 -7.32 -10.13 13.60
N ARG A 112 -6.69 -11.17 13.04
CA ARG A 112 -7.11 -11.77 11.79
C ARG A 112 -7.66 -13.17 12.06
N ILE A 113 -8.87 -13.43 11.56
CA ILE A 113 -9.54 -14.71 11.69
C ILE A 113 -9.80 -15.27 10.30
N GLY A 114 -9.55 -16.56 10.13
CA GLY A 114 -9.70 -17.18 8.82
C GLY A 114 -11.15 -17.17 8.34
N LYS A 115 -11.28 -17.26 7.01
CA LYS A 115 -12.61 -17.23 6.38
C LYS A 115 -13.44 -18.44 6.80
N GLU A 116 -12.89 -19.64 6.66
CA GLU A 116 -13.63 -20.86 7.00
C GLU A 116 -14.00 -20.89 8.48
N GLU A 117 -13.06 -20.49 9.35
CA GLU A 117 -13.33 -20.47 10.77
C GLU A 117 -14.45 -19.51 11.11
N PHE A 118 -14.45 -18.33 10.47
CA PHE A 118 -15.54 -17.38 10.71
C PHE A 118 -16.86 -17.89 10.17
N LYS A 119 -16.85 -18.64 9.06
CA LYS A 119 -18.07 -19.25 8.57
C LYS A 119 -18.63 -20.24 9.59
N GLY A 120 -17.75 -21.06 10.18
CA GLY A 120 -18.19 -21.94 11.24
C GLY A 120 -18.75 -21.19 12.44
N MET A 121 -18.06 -20.13 12.85
CA MET A 121 -18.53 -19.31 13.97
C MET A 121 -19.90 -18.72 13.69
N MET A 122 -20.15 -18.35 12.43
CA MET A 122 -21.45 -17.79 12.07
C MET A 122 -22.54 -18.87 12.08
N HIS A 123 -22.21 -20.07 11.60
CA HIS A 123 -23.19 -21.15 11.65
C HIS A 123 -23.56 -21.49 13.09
N LYS A 124 -22.57 -21.56 13.98
CA LYS A 124 -22.84 -21.98 15.35
C LYS A 124 -23.71 -20.98 16.08
N TYR A 125 -23.52 -19.69 15.82
CA TYR A 125 -24.27 -18.64 16.49
C TYR A 125 -25.11 -17.86 15.48
N PRO A 126 -26.42 -18.05 15.42
CA PRO A 126 -27.24 -17.28 14.49
C PRO A 126 -27.19 -15.78 14.74
N THR A 127 -26.97 -15.36 15.98
CA THR A 127 -26.89 -13.93 16.29
C THR A 127 -25.69 -13.29 15.59
N LEU A 128 -24.53 -13.94 15.66
CA LEU A 128 -23.36 -13.45 14.95
C LEU A 128 -23.61 -13.41 13.45
N MET A 129 -24.28 -14.44 12.92
CA MET A 129 -24.61 -14.47 11.50
C MET A 129 -25.43 -13.25 11.10
N GLU A 130 -26.54 -13.01 11.81
CA GLU A 130 -27.40 -11.90 11.44
C GLU A 130 -26.69 -10.57 11.62
N ASN A 131 -25.83 -10.45 12.64
CA ASN A 131 -25.14 -9.19 12.88
C ASN A 131 -24.14 -8.89 11.77
N PHE A 132 -23.36 -9.89 11.35
CA PHE A 132 -22.42 -9.65 10.26
C PHE A 132 -23.13 -9.38 8.95
N ILE A 133 -24.22 -10.10 8.68
CA ILE A 133 -24.99 -9.86 7.47
C ILE A 133 -25.57 -8.44 7.48
N GLY A 134 -26.07 -8.01 8.63
CA GLY A 134 -26.59 -6.65 8.73
C GLY A 134 -25.51 -5.60 8.56
N MET A 135 -24.30 -5.88 9.05
CA MET A 135 -23.18 -4.97 8.85
C MET A 135 -22.90 -4.77 7.37
N ILE A 136 -22.71 -5.87 6.64
CA ILE A 136 -22.38 -5.72 5.22
C ILE A 136 -23.58 -5.18 4.42
N SER A 137 -24.80 -5.46 4.89
CA SER A 137 -25.98 -4.92 4.22
C SER A 137 -26.07 -3.41 4.39
N ASP A 138 -25.84 -2.91 5.60
CA ASP A 138 -25.81 -1.47 5.83
C ASP A 138 -24.69 -0.81 5.03
N ILE A 139 -23.56 -1.50 4.87
CA ILE A 139 -22.50 -0.97 4.02
C ILE A 139 -23.00 -0.85 2.58
N SER A 140 -23.70 -1.86 2.08
CA SER A 140 -24.27 -1.79 0.74
C SER A 140 -25.24 -0.61 0.60
N ALA A 141 -26.08 -0.40 1.60
CA ALA A 141 -27.03 0.71 1.54
C ALA A 141 -26.30 2.05 1.52
N PHE A 142 -25.25 2.19 2.34
CA PHE A 142 -24.44 3.40 2.33
C PHE A 142 -23.81 3.62 0.96
N LEU A 143 -23.29 2.55 0.35
CA LEU A 143 -22.68 2.68 -0.98
C LEU A 143 -23.71 3.12 -2.01
N MET A 144 -24.94 2.62 -1.90
CA MET A 144 -25.99 3.04 -2.83
C MET A 144 -26.33 4.52 -2.67
N LYS A 145 -26.45 4.99 -1.43
CA LYS A 145 -26.71 6.40 -1.21
C LYS A 145 -25.57 7.27 -1.74
N LYS A 146 -24.33 6.80 -1.55
CA LYS A 146 -23.17 7.52 -2.11
C LYS A 146 -23.22 7.55 -3.63
N ILE A 147 -23.62 6.44 -4.24
CA ILE A 147 -23.74 6.40 -5.70
C ILE A 147 -24.77 7.42 -6.17
N HIS A 148 -25.89 7.53 -5.45
CA HIS A 148 -26.87 8.56 -5.80
C HIS A 148 -26.27 9.95 -5.65
N GLN A 149 -25.48 10.17 -4.61
CA GLN A 149 -24.80 11.46 -4.44
C GLN A 149 -23.94 11.78 -5.66
N LEU A 150 -23.16 10.81 -6.13
CA LEU A 150 -22.22 11.04 -7.23
C LEU A 150 -22.87 11.05 -8.61
N SER A 151 -24.12 10.61 -8.73
CA SER A 151 -24.77 10.51 -10.03
C SER A 151 -25.39 11.84 -10.43
N LEU A 152 -25.39 12.11 -11.74
CA LEU A 152 -25.90 13.36 -12.27
C LEU A 152 -27.15 13.15 -13.13
N ASP B 1 25.35 -12.60 -16.36
CA ASP B 1 24.19 -12.67 -15.48
C ASP B 1 22.96 -12.04 -16.13
N PRO B 2 21.88 -12.82 -16.27
CA PRO B 2 20.68 -12.29 -16.94
C PRO B 2 20.02 -11.14 -16.19
N GLU B 3 19.90 -11.25 -14.85
CA GLU B 3 19.35 -10.15 -14.08
C GLU B 3 20.20 -8.90 -14.22
N PHE B 4 21.52 -9.07 -14.27
CA PHE B 4 22.41 -7.94 -14.52
C PHE B 4 22.18 -7.35 -15.90
N ASP B 5 21.90 -8.19 -16.90
CA ASP B 5 21.60 -7.68 -18.23
C ASP B 5 20.29 -6.89 -18.22
N LEU B 6 19.32 -7.32 -17.43
CA LEU B 6 18.08 -6.55 -17.28
C LEU B 6 18.35 -5.20 -16.63
N LEU B 7 19.21 -5.18 -15.62
CA LEU B 7 19.60 -3.91 -15.00
C LEU B 7 20.28 -2.99 -16.01
N LEU B 8 21.19 -3.54 -16.82
CA LEU B 8 21.89 -2.74 -17.81
C LEU B 8 20.93 -2.19 -18.86
N LYS B 9 19.99 -3.02 -19.32
CA LYS B 9 19.00 -2.55 -20.28
C LYS B 9 18.10 -1.47 -19.68
N ALA B 10 17.73 -1.64 -18.42
CA ALA B 10 16.91 -0.63 -17.75
C ALA B 10 17.67 0.69 -17.63
N TRP B 11 18.99 0.63 -17.40
CA TRP B 11 19.76 1.86 -17.31
C TRP B 11 19.92 2.52 -18.68
N LYS B 12 20.23 1.73 -19.71
CA LYS B 12 20.39 2.31 -21.05
C LYS B 12 19.12 2.97 -21.53
N SER B 13 17.95 2.47 -21.10
CA SER B 13 16.67 3.07 -21.44
C SER B 13 16.27 4.18 -20.48
N SER B 14 17.05 4.42 -19.43
CA SER B 14 16.75 5.45 -18.45
C SER B 14 17.43 6.76 -18.83
N GLY B 15 16.89 7.86 -18.31
CA GLY B 15 17.53 9.14 -18.50
C GLY B 15 18.86 9.30 -17.79
N LEU B 16 19.17 8.38 -16.88
CA LEU B 16 20.43 8.47 -16.13
C LEU B 16 21.64 8.23 -17.03
N SER B 17 21.48 7.50 -18.12
CA SER B 17 22.60 7.07 -18.95
C SER B 17 22.87 8.02 -20.12
N VAL B 18 22.06 9.07 -20.30
CA VAL B 18 22.22 9.94 -21.46
C VAL B 18 23.57 10.61 -21.41
N GLY B 19 24.34 10.44 -22.50
CA GLY B 19 25.60 11.13 -22.65
C GLY B 19 26.82 10.44 -22.08
N MET B 20 26.67 9.29 -21.43
CA MET B 20 27.78 8.57 -20.83
C MET B 20 28.21 7.41 -21.72
N LYS B 21 29.53 7.17 -21.77
CA LYS B 21 30.10 6.17 -22.67
C LYS B 21 29.84 4.75 -22.17
N ASP B 22 29.36 3.89 -23.08
CA ASP B 22 28.92 2.55 -22.74
C ASP B 22 29.89 1.82 -21.82
N ASP B 23 31.20 2.03 -22.03
CA ASP B 23 32.19 1.47 -21.12
C ASP B 23 31.98 1.95 -19.69
N GLU B 24 31.70 3.25 -19.52
CA GLU B 24 31.46 3.79 -18.20
C GLU B 24 30.17 3.22 -17.59
N LEU B 25 29.14 2.97 -18.41
CA LEU B 25 27.94 2.30 -17.90
C LEU B 25 28.27 0.91 -17.37
N LEU B 26 28.99 0.12 -18.16
CA LEU B 26 29.40 -1.21 -17.71
C LEU B 26 30.18 -1.15 -16.40
N ALA B 27 31.16 -0.24 -16.34
CA ALA B 27 31.98 -0.13 -15.13
C ALA B 27 31.14 0.29 -13.93
N LEU B 28 30.27 1.29 -14.12
CA LEU B 28 29.41 1.75 -13.04
C LEU B 28 28.56 0.62 -12.49
N LEU B 29 27.96 -0.18 -13.37
CA LEU B 29 27.02 -1.19 -12.92
C LEU B 29 27.69 -2.46 -12.40
N GLU B 30 28.91 -2.76 -12.87
CA GLU B 30 29.57 -3.96 -12.40
C GLU B 30 30.12 -3.81 -10.99
N SER B 31 30.44 -2.59 -10.58
CA SER B 31 30.90 -2.33 -9.22
C SER B 31 29.75 -2.12 -8.25
N CYS B 32 28.51 -2.08 -8.74
CA CYS B 32 27.36 -1.75 -7.91
C CYS B 32 26.79 -3.01 -7.25
N SER B 33 26.37 -2.86 -6.00
CA SER B 33 25.64 -3.90 -5.27
C SER B 33 24.20 -3.45 -5.13
N TYR B 34 23.26 -4.32 -5.49
CA TYR B 34 21.85 -3.96 -5.54
C TYR B 34 21.00 -5.08 -4.96
N ARG B 35 19.76 -4.73 -4.66
CA ARG B 35 18.74 -5.68 -4.24
C ARG B 35 17.64 -5.77 -5.29
N VAL B 36 16.84 -6.82 -5.19
CA VAL B 36 15.81 -7.11 -6.19
C VAL B 36 14.46 -7.17 -5.47
N GLU B 37 13.52 -6.33 -5.90
CA GLU B 37 12.16 -6.35 -5.38
C GLU B 37 11.22 -6.77 -6.50
N ARG B 38 10.46 -7.84 -6.26
CA ARG B 38 9.56 -8.39 -7.26
C ARG B 38 8.10 -8.21 -6.83
N LEU B 39 7.30 -7.69 -7.76
CA LEU B 39 5.89 -7.39 -7.52
C LEU B 39 5.04 -8.30 -8.38
N LYS B 40 4.16 -9.07 -7.73
CA LYS B 40 3.26 -9.97 -8.44
C LYS B 40 2.14 -9.16 -9.11
N ALA B 41 1.76 -9.60 -10.31
CA ALA B 41 0.76 -8.88 -11.10
C ALA B 41 -0.53 -8.72 -10.30
N GLU B 42 -1.13 -7.54 -10.42
CA GLU B 42 -2.43 -7.19 -9.84
C GLU B 42 -2.38 -7.07 -8.32
N GLU B 43 -1.20 -6.90 -7.73
CA GLU B 43 -1.07 -6.68 -6.30
C GLU B 43 -0.68 -5.23 -6.04
N LEU B 44 -1.09 -4.73 -4.88
CA LEU B 44 -0.81 -3.35 -4.46
C LEU B 44 0.20 -3.36 -3.32
N TYR B 45 1.15 -2.42 -3.37
CA TYR B 45 2.22 -2.32 -2.40
C TYR B 45 2.32 -0.88 -1.91
N ALA B 46 2.85 -0.73 -0.70
CA ALA B 46 3.09 0.57 -0.10
C ALA B 46 4.56 0.67 0.29
N ILE B 47 5.23 1.72 -0.18
CA ILE B 47 6.60 2.04 0.20
C ILE B 47 6.55 3.31 1.03
N GLY B 48 6.89 3.19 2.31
CA GLY B 48 6.76 4.28 3.24
C GLY B 48 7.84 5.33 3.10
N GLY B 49 7.76 6.34 3.97
CA GLY B 49 8.62 7.50 3.96
C GLY B 49 10.12 7.23 3.86
N ASP B 50 10.74 6.82 4.99
CA ASP B 50 12.19 6.58 5.03
C ASP B 50 12.58 5.38 4.16
N LYS B 51 11.65 4.47 3.82
CA LYS B 51 11.99 3.41 2.87
C LYS B 51 12.09 3.92 1.43
N LEU B 52 11.96 5.22 1.21
CA LEU B 52 12.04 5.81 -0.12
C LEU B 52 13.41 6.39 -0.45
N GLN B 53 14.37 6.29 0.46
CA GLN B 53 15.71 6.87 0.25
C GLN B 53 16.67 5.85 -0.38
N ASP B 54 16.19 5.21 -1.44
CA ASP B 54 17.00 4.32 -2.26
C ASP B 54 16.68 4.59 -3.72
N LEU B 55 17.66 4.33 -4.59
CA LEU B 55 17.45 4.46 -6.02
C LEU B 55 16.76 3.20 -6.54
N ARG B 56 15.56 3.36 -7.09
CA ARG B 56 14.77 2.25 -7.61
C ARG B 56 14.47 2.50 -9.08
N ILE B 57 14.81 1.52 -9.92
CA ILE B 57 14.59 1.59 -11.36
C ILE B 57 13.76 0.39 -11.78
N VAL B 58 12.76 0.63 -12.63
CA VAL B 58 11.90 -0.45 -13.10
C VAL B 58 12.73 -1.36 -14.00
N GLY B 59 12.98 -2.58 -13.53
CA GLY B 59 13.78 -3.53 -14.27
C GLY B 59 12.96 -4.29 -15.30
N VAL B 60 11.86 -4.89 -14.87
CA VAL B 60 10.95 -5.54 -15.81
C VAL B 60 9.51 -5.21 -15.44
N GLY B 61 8.66 -5.10 -16.46
CA GLY B 61 7.24 -4.94 -16.25
C GLY B 61 6.70 -3.54 -16.47
N GLU B 62 5.70 -3.18 -15.69
CA GLU B 62 5.05 -1.88 -15.79
C GLU B 62 4.27 -1.65 -14.51
N ILE B 63 4.38 -0.45 -13.94
CA ILE B 63 3.93 -0.20 -12.58
C ILE B 63 3.18 1.12 -12.52
N ARG B 64 2.04 1.14 -11.85
CA ARG B 64 1.28 2.37 -11.63
C ARG B 64 1.64 2.88 -10.24
N ALA B 65 2.33 4.01 -10.18
CA ALA B 65 2.79 4.59 -8.93
C ALA B 65 1.98 5.85 -8.63
N GLU B 66 1.75 6.09 -7.34
CA GLU B 66 1.00 7.24 -6.89
C GLU B 66 1.50 7.66 -5.51
N MET B 67 1.46 8.95 -5.25
CA MET B 67 1.76 9.48 -3.93
C MET B 67 0.48 9.54 -3.10
N VAL B 68 0.62 9.39 -1.79
CA VAL B 68 -0.51 9.45 -0.88
C VAL B 68 -0.30 10.59 0.10
N GLY B 69 -1.20 11.58 0.06
CA GLY B 69 -1.13 12.70 0.97
C GLY B 69 -1.56 12.33 2.37
N PRO B 70 -1.43 13.29 3.28
CA PRO B 70 -1.74 13.01 4.69
C PRO B 70 -3.23 12.77 4.93
N SER B 71 -4.11 13.36 4.14
CA SER B 71 -5.54 13.12 4.32
C SER B 71 -5.97 11.82 3.64
N GLY B 72 -5.28 11.42 2.57
CA GLY B 72 -5.56 10.15 1.95
C GLY B 72 -5.75 10.19 0.44
N LYS B 73 -5.87 11.39 -0.12
CA LYS B 73 -6.01 11.52 -1.56
C LYS B 73 -4.72 11.06 -2.23
N GLN B 74 -4.87 10.39 -3.38
CA GLN B 74 -3.71 9.95 -4.13
C GLN B 74 -3.49 10.87 -5.31
N ILE B 75 -2.32 11.49 -5.34
CA ILE B 75 -1.98 12.48 -6.34
C ILE B 75 -0.90 11.90 -7.25
N LEU B 76 -0.68 12.56 -8.38
CA LEU B 76 0.46 12.29 -9.26
C LEU B 76 0.50 10.84 -9.70
N ILE B 77 -0.66 10.34 -10.15
CA ILE B 77 -0.74 8.99 -10.71
C ILE B 77 0.10 8.93 -11.98
N ASP B 78 0.96 7.93 -12.09
CA ASP B 78 1.83 7.80 -13.26
C ASP B 78 2.11 6.33 -13.52
N THR B 79 2.27 5.98 -14.79
CA THR B 79 2.55 4.61 -15.21
C THR B 79 3.97 4.54 -15.75
N LEU B 80 4.83 3.81 -15.04
CA LEU B 80 6.24 3.70 -15.34
C LEU B 80 6.52 2.35 -16.00
N ALA B 81 7.17 2.38 -17.15
CA ALA B 81 7.61 1.17 -17.83
C ALA B 81 9.07 0.89 -17.46
N VAL B 82 9.69 -0.07 -18.14
CA VAL B 82 11.09 -0.38 -17.89
C VAL B 82 11.93 0.84 -18.19
N GLY B 83 12.81 1.19 -17.25
CA GLY B 83 13.72 2.29 -17.42
C GLY B 83 13.38 3.54 -16.64
N ARG B 84 12.20 3.62 -16.07
CA ARG B 84 11.80 4.80 -15.30
C ARG B 84 12.30 4.68 -13.87
N ILE B 85 12.51 5.83 -13.23
CA ILE B 85 12.96 5.90 -11.85
C ILE B 85 11.76 6.21 -10.96
N LEU B 86 11.65 5.50 -9.85
CA LEU B 86 10.51 5.62 -8.94
C LEU B 86 10.79 6.68 -7.90
N ALA B 87 10.01 7.76 -7.93
CA ALA B 87 10.13 8.88 -6.99
C ALA B 87 11.56 9.36 -6.83
N PRO B 88 12.26 9.70 -7.92
CA PRO B 88 13.66 10.11 -7.78
C PRO B 88 13.82 11.39 -6.99
N ALA B 89 12.86 12.30 -7.07
CA ALA B 89 12.96 13.57 -6.36
C ALA B 89 12.88 13.41 -4.85
N LEU B 90 12.48 12.24 -4.35
CA LEU B 90 12.41 11.99 -2.92
C LEU B 90 13.58 11.19 -2.40
N LEU B 91 14.51 10.81 -3.28
CA LEU B 91 15.67 10.02 -2.86
C LEU B 91 16.49 10.76 -1.82
N PHE B 92 16.80 12.03 -2.09
CA PHE B 92 17.61 12.85 -1.18
C PHE B 92 16.77 13.86 -0.41
N ALA B 93 15.49 13.55 -0.17
CA ALA B 93 14.64 14.44 0.59
C ALA B 93 14.82 14.21 2.08
N SER B 94 14.60 15.27 2.86
CA SER B 94 14.75 15.20 4.31
C SER B 94 13.47 15.52 5.08
N GLU B 95 12.42 15.97 4.40
CA GLU B 95 11.18 16.36 5.06
C GLU B 95 10.05 16.31 4.05
N ASN B 96 8.82 16.24 4.56
CA ASN B 96 7.61 16.29 3.75
C ASN B 96 7.55 15.13 2.74
N ILE B 97 8.05 13.97 3.12
CA ILE B 97 8.07 12.82 2.23
C ILE B 97 6.75 12.08 2.35
N LEU B 98 6.01 12.00 1.25
CA LEU B 98 4.76 11.27 1.18
C LEU B 98 5.02 9.81 0.82
N PRO B 99 4.28 8.88 1.41
CA PRO B 99 4.42 7.48 1.02
C PRO B 99 3.90 7.24 -0.38
N VAL B 100 4.39 6.17 -1.00
CA VAL B 100 4.02 5.81 -2.36
C VAL B 100 3.26 4.49 -2.32
N THR B 101 2.33 4.33 -3.26
CA THR B 101 1.74 3.03 -3.50
C THR B 101 1.95 2.65 -4.96
N LEU B 102 2.10 1.35 -5.18
CA LEU B 102 2.50 0.78 -6.46
C LEU B 102 1.56 -0.37 -6.81
N PHE B 103 1.02 -0.35 -8.03
CA PHE B 103 0.18 -1.43 -8.52
C PHE B 103 0.83 -2.04 -9.75
N ALA B 104 1.05 -3.34 -9.74
CA ALA B 104 1.73 -4.03 -10.83
C ALA B 104 0.70 -4.43 -11.89
N ASN B 105 0.83 -3.86 -13.09
CA ASN B 105 0.00 -4.29 -14.20
C ASN B 105 0.52 -5.58 -14.83
N GLU B 106 1.75 -5.96 -14.53
CA GLU B 106 2.31 -7.25 -14.90
C GLU B 106 3.15 -7.75 -13.73
N ASP B 107 3.74 -8.93 -13.89
CA ASP B 107 4.86 -9.31 -13.05
C ASP B 107 5.98 -8.30 -13.27
N SER B 108 6.42 -7.65 -12.19
CA SER B 108 7.40 -6.59 -12.32
C SER B 108 8.56 -6.80 -11.36
N VAL B 109 9.69 -6.18 -11.71
CA VAL B 109 10.90 -6.15 -10.91
C VAL B 109 11.44 -4.73 -10.88
N LEU B 110 11.71 -4.23 -9.67
CA LEU B 110 12.54 -3.06 -9.44
C LEU B 110 13.90 -3.48 -8.89
N PHE B 111 14.95 -2.78 -9.35
CA PHE B 111 16.30 -2.92 -8.81
C PHE B 111 16.57 -1.76 -7.85
N ARG B 112 17.00 -2.08 -6.64
CA ARG B 112 17.21 -1.09 -5.59
C ARG B 112 18.70 -0.90 -5.33
N ILE B 113 19.15 0.34 -5.39
CA ILE B 113 20.54 0.71 -5.12
C ILE B 113 20.56 1.63 -3.91
N GLY B 114 21.56 1.44 -3.05
CA GLY B 114 21.64 2.23 -1.84
C GLY B 114 21.90 3.70 -2.13
N LYS B 115 21.45 4.55 -1.19
CA LYS B 115 21.62 5.99 -1.31
C LYS B 115 23.10 6.37 -1.35
N GLU B 116 23.87 5.87 -0.39
CA GLU B 116 25.30 6.16 -0.32
C GLU B 116 26.01 5.75 -1.60
N GLU B 117 25.70 4.54 -2.09
CA GLU B 117 26.32 4.02 -3.30
C GLU B 117 26.04 4.94 -4.49
N PHE B 118 24.79 5.38 -4.63
CA PHE B 118 24.43 6.23 -5.75
C PHE B 118 25.09 7.60 -5.63
N LYS B 119 25.24 8.12 -4.41
CA LYS B 119 25.98 9.36 -4.22
C LYS B 119 27.40 9.23 -4.73
N GLY B 120 28.07 8.12 -4.36
CA GLY B 120 29.41 7.88 -4.89
C GLY B 120 29.43 7.77 -6.40
N MET B 121 28.48 7.01 -6.96
CA MET B 121 28.40 6.83 -8.41
C MET B 121 28.26 8.16 -9.13
N MET B 122 27.49 9.08 -8.55
CA MET B 122 27.30 10.37 -9.18
C MET B 122 28.50 11.29 -9.01
N HIS B 123 29.23 11.17 -7.90
CA HIS B 123 30.47 11.92 -7.78
C HIS B 123 31.48 11.47 -8.83
N LYS B 124 31.60 10.16 -9.04
CA LYS B 124 32.61 9.65 -9.97
C LYS B 124 32.32 10.04 -11.41
N TYR B 125 31.05 10.09 -11.80
CA TYR B 125 30.67 10.44 -13.17
C TYR B 125 29.84 11.71 -13.16
N PRO B 126 30.38 12.84 -13.63
CA PRO B 126 29.59 14.08 -13.65
C PRO B 126 28.39 14.01 -14.57
N THR B 127 28.46 13.22 -15.64
CA THR B 127 27.34 13.11 -16.57
C THR B 127 26.11 12.52 -15.89
N LEU B 128 26.30 11.42 -15.14
CA LEU B 128 25.20 10.84 -14.38
C LEU B 128 24.62 11.83 -13.39
N MET B 129 25.48 12.63 -12.75
CA MET B 129 25.02 13.62 -11.79
C MET B 129 24.13 14.66 -12.47
N GLU B 130 24.58 15.19 -13.62
CA GLU B 130 23.78 16.19 -14.32
C GLU B 130 22.48 15.60 -14.82
N ASN B 131 22.50 14.33 -15.25
CA ASN B 131 21.26 13.71 -15.71
C ASN B 131 20.26 13.56 -14.56
N PHE B 132 20.72 13.10 -13.40
CA PHE B 132 19.81 12.95 -12.25
C PHE B 132 19.29 14.30 -11.79
N ILE B 133 20.13 15.34 -11.82
CA ILE B 133 19.68 16.66 -11.39
C ILE B 133 18.69 17.23 -12.39
N GLY B 134 18.89 16.98 -13.69
CA GLY B 134 17.90 17.39 -14.67
C GLY B 134 16.58 16.66 -14.49
N MET B 135 16.65 15.36 -14.17
CA MET B 135 15.44 14.60 -13.83
C MET B 135 14.67 15.27 -12.71
N ILE B 136 15.37 15.51 -11.58
CA ILE B 136 14.72 16.07 -10.39
C ILE B 136 14.20 17.49 -10.67
N SER B 137 14.93 18.24 -11.50
CA SER B 137 14.53 19.62 -11.80
C SER B 137 13.30 19.65 -12.68
N ASP B 138 13.25 18.82 -13.72
CA ASP B 138 12.08 18.76 -14.57
C ASP B 138 10.86 18.28 -13.79
N ILE B 139 11.06 17.38 -12.83
CA ILE B 139 9.93 17.00 -11.97
C ILE B 139 9.45 18.20 -11.17
N SER B 140 10.37 18.99 -10.62
CA SER B 140 9.98 20.19 -9.88
C SER B 140 9.19 21.15 -10.77
N ALA B 141 9.64 21.36 -12.01
CA ALA B 141 8.96 22.28 -12.91
C ALA B 141 7.56 21.76 -13.25
N PHE B 142 7.43 20.46 -13.51
CA PHE B 142 6.12 19.87 -13.75
C PHE B 142 5.19 20.10 -12.56
N LEU B 143 5.71 19.93 -11.34
CA LEU B 143 4.88 20.15 -10.16
C LEU B 143 4.45 21.60 -10.05
N MET B 144 5.33 22.53 -10.41
CA MET B 144 4.94 23.95 -10.38
C MET B 144 3.83 24.24 -11.38
N LYS B 145 3.94 23.69 -12.60
CA LYS B 145 2.88 23.89 -13.58
C LYS B 145 1.56 23.30 -13.11
N LYS B 146 1.61 22.12 -12.48
CA LYS B 146 0.39 21.53 -11.93
C LYS B 146 -0.19 22.40 -10.82
N ILE B 147 0.66 22.99 -10.00
CA ILE B 147 0.18 23.88 -8.93
C ILE B 147 -0.53 25.08 -9.52
N HIS B 148 0.02 25.65 -10.61
CA HIS B 148 -0.70 26.73 -11.26
C HIS B 148 -2.03 26.25 -11.82
N GLN B 149 -2.07 25.03 -12.36
CA GLN B 149 -3.34 24.46 -12.81
C GLN B 149 -4.38 24.43 -11.69
N LEU B 150 -3.97 23.95 -10.52
CA LEU B 150 -4.90 23.77 -9.40
C LEU B 150 -5.16 25.05 -8.61
N SER B 151 -4.50 26.16 -8.94
CA SER B 151 -4.61 27.35 -8.12
C SER B 151 -5.87 28.13 -8.44
N LEU B 152 -6.38 28.85 -7.43
CA LEU B 152 -7.60 29.65 -7.58
C LEU B 152 -7.27 31.12 -7.76
#